data_2YZJ
#
_entry.id   2YZJ
#
_cell.length_a   53.770
_cell.length_b   53.757
_cell.length_c   53.757
_cell.angle_alpha   107.47
_cell.angle_beta   107.52
_cell.angle_gamma   107.50
#
_symmetry.space_group_name_H-M   'P 1'
#
loop_
_entity.id
_entity.type
_entity.pdbx_description
1 polymer '167aa long hypothetical dUTPase'
2 non-polymer "DEOXYURIDINE-5'-DIPHOSPHATE"
3 non-polymer 2-AMINO-2-HYDROXYMETHYL-PROPANE-1,3-DIOL
4 non-polymer 'MAGNESIUM ION'
5 water water
#
_entity_poly.entity_id   1
_entity_poly.type   'polypeptide(L)'
_entity_poly.pdbx_seq_one_letter_code
;GH(MSE)KGLTEKL(MSE)ILSHQSIKNLLGKVILNYSEENVRENGYDLRICGDKYYELVQGAELPEKKATLREIEFKER
AILSANHTYLFESCEEFN(MSE)PADLAVLITLKSTLARNGFLAPPTVIDAGYKGKVNVAITAVYNSSLKKG(MSE)ATH
HLIFLKLDKPTERLYNGKYQGGILI
;
_entity_poly.pdbx_strand_id   A,B,C
#
# COMPACT_ATOMS: atom_id res chain seq x y z
N ILE A 12 -5.79 4.13 15.34
CA ILE A 12 -6.84 3.48 14.48
C ILE A 12 -8.15 3.32 15.23
N LEU A 13 -9.26 3.54 14.52
CA LEU A 13 -10.58 3.42 15.13
C LEU A 13 -11.07 1.97 15.11
N SER A 14 -11.64 1.54 16.23
CA SER A 14 -12.17 0.20 16.37
C SER A 14 -13.50 0.09 15.65
N HIS A 15 -14.10 -1.10 15.70
CA HIS A 15 -15.39 -1.35 15.06
C HIS A 15 -16.47 -0.43 15.61
N GLN A 16 -16.55 -0.32 16.94
CA GLN A 16 -17.56 0.52 17.57
C GLN A 16 -17.38 2.00 17.24
N SER A 17 -16.14 2.45 17.14
CA SER A 17 -15.87 3.85 16.84
C SER A 17 -16.26 4.17 15.40
N ILE A 18 -16.10 3.20 14.51
CA ILE A 18 -16.45 3.39 13.11
C ILE A 18 -17.96 3.36 12.97
N LYS A 19 -18.60 2.49 13.75
CA LYS A 19 -20.05 2.37 13.70
C LYS A 19 -20.73 3.71 13.98
N ASN A 20 -20.12 4.52 14.84
CA ASN A 20 -20.66 5.82 15.19
C ASN A 20 -20.46 6.85 14.08
N LEU A 21 -19.61 6.52 13.11
CA LEU A 21 -19.34 7.41 11.98
C LEU A 21 -20.39 7.24 10.90
N LEU A 22 -21.15 6.16 10.97
CA LEU A 22 -22.18 5.87 9.97
C LEU A 22 -23.28 6.93 9.95
N GLY A 23 -23.63 7.38 8.75
CA GLY A 23 -24.67 8.37 8.61
C GLY A 23 -24.17 9.78 8.84
N LYS A 24 -22.88 9.92 9.15
CA LYS A 24 -22.29 11.23 9.39
C LYS A 24 -21.03 11.42 8.53
N VAL A 25 -20.03 10.56 8.76
CA VAL A 25 -18.79 10.62 8.00
C VAL A 25 -18.89 9.68 6.80
N ILE A 26 -19.57 8.56 6.99
CA ILE A 26 -19.74 7.57 5.93
C ILE A 26 -21.21 7.47 5.52
N LEU A 27 -21.54 7.96 4.33
CA LEU A 27 -22.91 7.94 3.82
C LEU A 27 -23.08 6.84 2.77
N ASN A 28 -24.33 6.42 2.55
CA ASN A 28 -24.63 5.35 1.60
C ASN A 28 -23.85 4.13 2.07
N TYR A 29 -23.92 3.90 3.38
CA TYR A 29 -23.20 2.80 4.02
C TYR A 29 -23.98 1.50 4.15
N SER A 30 -23.28 0.50 4.67
CA SER A 30 -23.83 -0.82 4.92
C SER A 30 -23.33 -1.21 6.30
N GLU A 31 -24.25 -1.46 7.22
CA GLU A 31 -23.91 -1.84 8.59
C GLU A 31 -22.94 -3.01 8.68
N GLU A 32 -23.19 -4.07 7.92
CA GLU A 32 -22.33 -5.25 7.95
C GLU A 32 -20.92 -4.99 7.45
N ASN A 33 -20.72 -3.88 6.74
CA ASN A 33 -19.40 -3.54 6.22
C ASN A 33 -18.47 -2.90 7.24
N VAL A 34 -18.95 -2.72 8.46
CA VAL A 34 -18.10 -2.18 9.53
C VAL A 34 -17.47 -3.44 10.11
N ARG A 35 -16.16 -3.59 9.94
CA ARG A 35 -15.46 -4.78 10.39
C ARG A 35 -14.76 -4.64 11.75
N GLU A 36 -13.74 -5.47 11.97
CA GLU A 36 -13.00 -5.46 13.23
C GLU A 36 -12.35 -4.12 13.54
N ASN A 37 -11.66 -3.56 12.55
CA ASN A 37 -10.97 -2.28 12.73
C ASN A 37 -10.90 -1.52 11.41
N GLY A 38 -12.01 -1.51 10.68
CA GLY A 38 -12.04 -0.82 9.41
C GLY A 38 -13.40 -0.95 8.75
N TYR A 39 -13.55 -0.34 7.57
CA TYR A 39 -14.80 -0.39 6.84
C TYR A 39 -14.53 -0.90 5.43
N ASP A 40 -15.38 -1.80 4.94
CA ASP A 40 -15.22 -2.35 3.60
C ASP A 40 -15.95 -1.52 2.55
N LEU A 41 -15.17 -0.78 1.76
CA LEU A 41 -15.68 0.07 0.70
C LEU A 41 -16.20 -0.78 -0.46
N ARG A 42 -17.32 -0.36 -1.05
CA ARG A 42 -17.90 -1.09 -2.16
C ARG A 42 -17.79 -0.28 -3.45
N ILE A 43 -17.73 -0.97 -4.59
CA ILE A 43 -17.65 -0.29 -5.88
C ILE A 43 -19.05 -0.25 -6.47
N CYS A 44 -19.45 0.92 -6.97
CA CYS A 44 -20.77 1.10 -7.56
C CYS A 44 -20.68 2.06 -8.75
N GLY A 45 -21.74 2.82 -8.94
CA GLY A 45 -21.77 3.79 -10.02
C GLY A 45 -22.42 3.29 -11.30
N ASP A 46 -22.85 4.24 -12.12
CA ASP A 46 -23.50 3.90 -13.39
C ASP A 46 -22.44 3.45 -14.39
N LYS A 47 -21.21 3.90 -14.20
CA LYS A 47 -20.13 3.53 -15.12
C LYS A 47 -18.82 3.25 -14.38
N TYR A 48 -17.89 2.60 -15.08
CA TYR A 48 -16.55 2.33 -14.56
C TYR A 48 -15.65 2.64 -15.75
N TYR A 49 -14.37 2.91 -15.50
CA TYR A 49 -13.49 3.30 -16.61
C TYR A 49 -12.24 2.47 -16.79
N GLU A 50 -11.88 2.23 -18.05
CA GLU A 50 -10.68 1.48 -18.38
C GLU A 50 -9.64 2.43 -18.94
N LEU A 51 -8.45 2.45 -18.36
CA LEU A 51 -7.41 3.31 -18.89
C LEU A 51 -6.94 2.62 -20.17
N VAL A 52 -6.98 3.33 -21.29
CA VAL A 52 -6.57 2.75 -22.56
C VAL A 52 -5.29 3.32 -23.14
N GLN A 53 -4.86 4.47 -22.62
CA GLN A 53 -3.62 5.07 -23.07
C GLN A 53 -2.93 5.72 -21.89
N GLY A 54 -1.61 5.58 -21.84
CA GLY A 54 -0.81 6.12 -20.76
C GLY A 54 -0.86 7.62 -20.58
N ALA A 55 -0.50 8.06 -19.37
CA ALA A 55 -0.49 9.46 -19.03
C ALA A 55 0.91 10.06 -19.21
N GLU A 56 0.94 11.39 -19.34
CA GLU A 56 2.18 12.14 -19.46
C GLU A 56 2.00 13.24 -18.41
N LEU A 57 2.18 12.84 -17.16
CA LEU A 57 2.00 13.72 -16.01
C LEU A 57 3.03 14.83 -15.88
N PRO A 58 2.59 16.00 -15.39
CA PRO A 58 1.21 16.27 -14.98
C PRO A 58 0.27 16.86 -16.04
N GLU A 59 0.83 17.28 -17.17
CA GLU A 59 0.04 17.90 -18.23
C GLU A 59 -1.03 17.09 -18.96
N LYS A 60 -0.76 15.80 -19.16
CA LYS A 60 -1.70 14.94 -19.87
C LYS A 60 -2.12 13.73 -19.06
N LYS A 61 -3.42 13.65 -18.76
CA LYS A 61 -3.98 12.55 -17.99
C LYS A 61 -4.13 11.31 -18.88
N ALA A 62 -4.28 10.15 -18.25
CA ALA A 62 -4.45 8.92 -19.02
C ALA A 62 -5.77 9.03 -19.80
N THR A 63 -5.87 8.29 -20.89
CA THR A 63 -7.09 8.29 -21.70
C THR A 63 -8.01 7.19 -21.18
N LEU A 64 -9.26 7.53 -20.91
CA LEU A 64 -10.22 6.58 -20.38
C LEU A 64 -11.29 6.12 -21.35
N ARG A 65 -11.75 4.90 -21.14
CA ARG A 65 -12.83 4.35 -21.94
C ARG A 65 -13.98 4.20 -20.94
N GLU A 66 -15.09 4.87 -21.20
CA GLU A 66 -16.24 4.81 -20.32
C GLU A 66 -17.03 3.55 -20.61
N ILE A 67 -17.34 2.80 -19.56
CA ILE A 67 -18.08 1.55 -19.70
C ILE A 67 -19.28 1.48 -18.77
N GLU A 68 -20.42 1.05 -19.31
CA GLU A 68 -21.63 0.92 -18.52
C GLU A 68 -21.42 -0.13 -17.44
N PHE A 69 -21.72 0.24 -16.18
CA PHE A 69 -21.56 -0.68 -15.06
C PHE A 69 -22.91 -1.33 -14.77
N LYS A 70 -23.18 -2.46 -15.44
CA LYS A 70 -24.44 -3.17 -15.28
C LYS A 70 -24.48 -4.07 -14.04
N GLU A 71 -23.94 -5.27 -14.18
CA GLU A 71 -23.92 -6.24 -13.08
C GLU A 71 -22.48 -6.61 -12.70
N ARG A 72 -21.60 -6.62 -13.70
CA ARG A 72 -20.20 -6.99 -13.47
C ARG A 72 -19.25 -6.19 -14.36
N ALA A 73 -18.07 -5.91 -13.82
CA ALA A 73 -17.05 -5.19 -14.56
C ALA A 73 -16.09 -6.22 -15.12
N ILE A 74 -15.90 -6.20 -16.42
CA ILE A 74 -14.99 -7.13 -17.08
C ILE A 74 -13.65 -6.45 -17.25
N LEU A 75 -12.62 -7.03 -16.64
CA LEU A 75 -11.28 -6.47 -16.71
C LEU A 75 -10.32 -7.31 -17.52
N SER A 76 -9.44 -6.62 -18.25
CA SER A 76 -8.42 -7.27 -19.07
C SER A 76 -7.11 -7.20 -18.32
N ALA A 77 -6.28 -8.22 -18.47
CA ALA A 77 -4.98 -8.26 -17.83
C ALA A 77 -4.17 -7.03 -18.23
N ASN A 78 -3.34 -6.56 -17.30
CA ASN A 78 -2.46 -5.40 -17.55
C ASN A 78 -3.17 -4.09 -17.86
N HIS A 79 -4.35 -3.91 -17.27
CA HIS A 79 -5.10 -2.68 -17.44
C HIS A 79 -5.54 -2.18 -16.08
N THR A 80 -5.59 -0.86 -15.95
CA THR A 80 -6.03 -0.22 -14.71
C THR A 80 -7.47 0.23 -14.92
N TYR A 81 -8.30 0.07 -13.89
CA TYR A 81 -9.71 0.46 -13.97
C TYR A 81 -10.06 1.40 -12.83
N LEU A 82 -10.93 2.37 -13.11
CA LEU A 82 -11.37 3.32 -12.10
C LEU A 82 -12.82 3.05 -11.74
N PHE A 83 -13.07 2.90 -10.44
CA PHE A 83 -14.41 2.63 -9.94
C PHE A 83 -14.82 3.68 -8.93
N GLU A 84 -16.10 4.04 -8.96
CA GLU A 84 -16.64 5.01 -8.03
C GLU A 84 -17.15 4.20 -6.83
N SER A 85 -16.93 4.70 -5.63
CA SER A 85 -17.38 3.98 -4.44
C SER A 85 -18.87 4.16 -4.23
N CYS A 86 -19.50 3.21 -3.56
CA CYS A 86 -20.93 3.32 -3.28
C CYS A 86 -21.03 4.39 -2.18
N GLU A 87 -20.12 4.29 -1.22
CA GLU A 87 -20.07 5.21 -0.08
C GLU A 87 -19.66 6.63 -0.41
N GLU A 88 -20.24 7.58 0.30
CA GLU A 88 -19.91 8.99 0.13
C GLU A 88 -19.30 9.44 1.46
N PHE A 89 -18.24 10.23 1.39
CA PHE A 89 -17.57 10.67 2.60
C PHE A 89 -17.72 12.14 2.91
N ASN A 90 -17.67 12.45 4.20
CA ASN A 90 -17.74 13.81 4.71
C ASN A 90 -16.76 13.79 5.87
N PRO A 92 -14.15 14.79 8.72
CA PRO A 92 -13.99 15.88 9.69
C PRO A 92 -12.54 16.37 9.66
N ALA A 93 -12.25 17.46 10.36
CA ALA A 93 -10.90 18.02 10.38
C ALA A 93 -9.89 17.19 11.19
N ASP A 94 -10.36 16.17 11.89
CA ASP A 94 -9.47 15.37 12.72
C ASP A 94 -9.35 13.90 12.31
N LEU A 95 -9.85 13.56 11.12
CA LEU A 95 -9.78 12.18 10.64
C LEU A 95 -9.26 12.07 9.22
N ALA A 96 -8.56 10.98 8.95
CA ALA A 96 -8.02 10.68 7.63
C ALA A 96 -8.25 9.19 7.45
N VAL A 97 -8.19 8.71 6.22
CA VAL A 97 -8.40 7.29 5.95
C VAL A 97 -7.33 6.73 5.04
N LEU A 98 -6.79 5.57 5.43
CA LEU A 98 -5.81 4.90 4.60
C LEU A 98 -6.62 3.84 3.83
N ILE A 99 -6.56 3.89 2.51
CA ILE A 99 -7.29 2.92 1.70
C ILE A 99 -6.37 1.74 1.40
N THR A 100 -6.72 0.57 1.93
CA THR A 100 -5.94 -0.64 1.68
C THR A 100 -6.84 -1.55 0.87
N LEU A 101 -6.26 -2.59 0.29
CA LEU A 101 -7.05 -3.51 -0.52
C LEU A 101 -7.47 -4.71 0.32
N LYS A 102 -8.69 -5.19 0.12
CA LYS A 102 -9.15 -6.35 0.86
C LYS A 102 -8.24 -7.51 0.45
N SER A 103 -7.85 -8.36 1.41
CA SER A 103 -6.97 -9.46 1.07
C SER A 103 -7.63 -10.43 0.08
N THR A 104 -8.96 -10.43 0.02
CA THR A 104 -9.65 -11.31 -0.92
C THR A 104 -9.29 -10.90 -2.34
N LEU A 105 -9.22 -9.59 -2.61
CA LEU A 105 -8.85 -9.14 -3.94
C LEU A 105 -7.36 -9.37 -4.16
N ALA A 106 -6.56 -9.14 -3.14
CA ALA A 106 -5.12 -9.33 -3.27
C ALA A 106 -4.75 -10.77 -3.62
N ARG A 107 -5.30 -11.74 -2.90
CA ARG A 107 -4.95 -13.12 -3.18
C ARG A 107 -5.61 -13.69 -4.43
N ASN A 108 -6.51 -12.91 -5.02
CA ASN A 108 -7.19 -13.34 -6.23
C ASN A 108 -6.72 -12.61 -7.49
N GLY A 109 -5.53 -12.03 -7.41
CA GLY A 109 -4.94 -11.38 -8.57
C GLY A 109 -5.26 -9.94 -8.91
N PHE A 110 -5.55 -9.12 -7.89
CA PHE A 110 -5.82 -7.71 -8.16
C PHE A 110 -4.81 -6.85 -7.42
N LEU A 111 -4.42 -5.75 -8.05
CA LEU A 111 -3.46 -4.82 -7.46
C LEU A 111 -4.04 -3.44 -7.27
N ALA A 112 -3.60 -2.78 -6.21
CA ALA A 112 -4.04 -1.43 -5.89
C ALA A 112 -2.96 -0.81 -5.03
N PRO A 113 -2.64 0.47 -5.28
CA PRO A 113 -1.62 1.11 -4.46
C PRO A 113 -2.29 1.70 -3.22
N PRO A 114 -1.49 1.99 -2.19
CA PRO A 114 -2.09 2.58 -0.98
C PRO A 114 -2.36 4.05 -1.28
N THR A 115 -3.55 4.54 -0.93
CA THR A 115 -3.89 5.95 -1.15
C THR A 115 -4.63 6.43 0.09
N VAL A 116 -4.82 7.74 0.22
CA VAL A 116 -5.46 8.29 1.41
C VAL A 116 -6.59 9.27 1.14
N ILE A 117 -7.57 9.29 2.05
CA ILE A 117 -8.69 10.21 1.97
C ILE A 117 -8.33 11.23 3.06
N ASP A 118 -8.19 12.49 2.66
CA ASP A 118 -7.80 13.56 3.57
C ASP A 118 -8.92 14.17 4.38
N ALA A 119 -8.54 14.78 5.50
CA ALA A 119 -9.50 15.45 6.38
C ALA A 119 -10.12 16.59 5.57
N GLY A 120 -11.43 16.73 5.65
CA GLY A 120 -12.09 17.80 4.92
C GLY A 120 -12.64 17.36 3.57
N TYR A 121 -12.21 16.18 3.10
CA TYR A 121 -12.68 15.69 1.81
C TYR A 121 -14.18 15.37 1.86
N LYS A 122 -14.88 15.71 0.79
CA LYS A 122 -16.31 15.45 0.70
C LYS A 122 -16.64 14.78 -0.62
N GLY A 123 -17.45 13.73 -0.56
CA GLY A 123 -17.85 13.04 -1.77
C GLY A 123 -17.42 11.59 -1.81
N LYS A 124 -17.83 10.89 -2.86
CA LYS A 124 -17.46 9.50 -3.06
C LYS A 124 -16.01 9.52 -3.51
N VAL A 125 -15.34 8.37 -3.44
CA VAL A 125 -13.97 8.30 -3.90
C VAL A 125 -13.92 7.47 -5.17
N ASN A 126 -12.85 7.63 -5.93
CA ASN A 126 -12.66 6.88 -7.16
C ASN A 126 -11.36 6.11 -6.94
N VAL A 127 -11.48 4.79 -6.97
CA VAL A 127 -10.33 3.93 -6.73
C VAL A 127 -9.84 3.22 -7.98
N ALA A 128 -8.52 3.07 -8.07
CA ALA A 128 -7.89 2.43 -9.20
C ALA A 128 -7.49 1.00 -8.90
N ILE A 129 -8.04 0.07 -9.66
CA ILE A 129 -7.72 -1.35 -9.47
C ILE A 129 -7.08 -1.85 -10.76
N THR A 130 -5.93 -2.51 -10.64
CA THR A 130 -5.25 -3.04 -11.80
C THR A 130 -5.38 -4.55 -11.82
N ALA A 131 -5.78 -5.08 -12.97
CA ALA A 131 -5.97 -6.52 -13.11
C ALA A 131 -4.73 -7.22 -13.63
N VAL A 132 -4.26 -8.22 -12.89
CA VAL A 132 -3.09 -8.96 -13.33
C VAL A 132 -3.53 -10.03 -14.33
N TYR A 133 -4.82 -10.38 -14.29
CA TYR A 133 -5.39 -11.40 -15.19
C TYR A 133 -6.73 -10.93 -15.78
N ASN A 134 -7.15 -11.59 -16.86
CA ASN A 134 -8.46 -11.28 -17.42
C ASN A 134 -9.37 -11.75 -16.30
N SER A 135 -10.26 -10.88 -15.85
CA SER A 135 -11.10 -11.20 -14.71
C SER A 135 -12.32 -10.30 -14.61
N SER A 136 -13.04 -10.42 -13.51
CA SER A 136 -14.22 -9.59 -13.32
C SER A 136 -14.55 -9.37 -11.85
N LEU A 137 -15.23 -8.26 -11.58
CA LEU A 137 -15.64 -7.89 -10.23
C LEU A 137 -17.13 -7.56 -10.31
N LYS A 138 -17.89 -8.05 -9.33
CA LYS A 138 -19.32 -7.83 -9.30
C LYS A 138 -19.69 -6.45 -8.77
N LYS A 139 -20.59 -5.77 -9.47
CA LYS A 139 -21.02 -4.44 -9.05
C LYS A 139 -21.59 -4.53 -7.65
N GLY A 140 -21.19 -3.61 -6.78
CA GLY A 140 -21.67 -3.60 -5.41
C GLY A 140 -20.85 -4.39 -4.41
N ALA A 142 -17.57 -5.58 -2.07
CA ALA A 142 -16.57 -4.87 -1.28
C ALA A 142 -15.20 -5.17 -1.89
N THR A 143 -14.40 -4.11 -2.09
CA THR A 143 -13.09 -4.26 -2.69
C THR A 143 -11.95 -3.73 -1.82
N HIS A 144 -12.21 -2.66 -1.08
CA HIS A 144 -11.17 -2.06 -0.26
C HIS A 144 -11.48 -2.05 1.24
N HIS A 145 -10.43 -1.95 2.03
CA HIS A 145 -10.54 -1.93 3.49
C HIS A 145 -10.04 -0.57 3.97
N LEU A 146 -10.95 0.24 4.51
CA LEU A 146 -10.61 1.57 4.99
C LEU A 146 -10.19 1.55 6.46
N ILE A 147 -9.01 2.11 6.72
CA ILE A 147 -8.46 2.21 8.06
C ILE A 147 -8.57 3.68 8.44
N PHE A 148 -9.26 3.96 9.53
CA PHE A 148 -9.45 5.35 9.97
C PHE A 148 -8.36 5.80 10.93
N LEU A 149 -7.67 6.87 10.54
CA LEU A 149 -6.57 7.44 11.33
C LEU A 149 -6.96 8.78 11.95
N LYS A 150 -6.69 8.93 13.24
CA LYS A 150 -7.01 10.18 13.92
C LYS A 150 -5.81 11.11 13.89
N LEU A 151 -6.05 12.37 13.53
CA LEU A 151 -4.98 13.36 13.47
C LEU A 151 -4.61 13.82 14.87
N ASP A 152 -3.32 14.10 15.08
CA ASP A 152 -2.82 14.54 16.38
C ASP A 152 -3.51 15.83 16.82
N LYS A 153 -3.99 16.60 15.85
CA LYS A 153 -4.67 17.85 16.12
C LYS A 153 -5.55 18.19 14.91
N PRO A 154 -6.66 18.91 15.13
CA PRO A 154 -7.52 19.23 14.00
C PRO A 154 -6.67 19.99 12.99
N THR A 155 -6.69 19.54 11.73
CA THR A 155 -5.87 20.17 10.70
C THR A 155 -6.25 21.60 10.37
N GLU A 156 -5.24 22.45 10.21
CA GLU A 156 -5.45 23.86 9.87
C GLU A 156 -5.65 24.01 8.37
N ARG A 157 -5.53 22.90 7.65
CA ARG A 157 -5.70 22.89 6.21
C ARG A 157 -6.59 21.75 5.78
N LEU A 158 -7.86 22.05 5.53
CA LEU A 158 -8.83 21.05 5.09
C LEU A 158 -8.68 20.89 3.59
N TYR A 159 -9.10 19.74 3.07
CA TYR A 159 -8.99 19.47 1.64
C TYR A 159 -9.90 20.37 0.80
N ASN A 160 -9.38 20.85 -0.32
CA ASN A 160 -10.13 21.70 -1.24
C ASN A 160 -9.54 21.56 -2.64
N GLY A 161 -8.88 20.42 -2.87
CA GLY A 161 -8.26 20.17 -4.15
C GLY A 161 -9.18 19.92 -5.33
N LYS A 162 -8.57 19.60 -6.47
CA LYS A 162 -9.29 19.35 -7.72
C LYS A 162 -10.23 18.15 -7.74
N TYR A 163 -10.18 17.30 -6.72
CA TYR A 163 -11.06 16.14 -6.68
C TYR A 163 -12.23 16.29 -5.72
N GLN A 164 -12.32 17.43 -5.04
CA GLN A 164 -13.40 17.66 -4.09
C GLN A 164 -14.77 17.42 -4.74
N GLY A 165 -15.63 16.71 -4.03
CA GLY A 165 -16.96 16.44 -4.56
C GLY A 165 -17.05 15.09 -5.25
N GLY A 166 -15.90 14.40 -5.35
CA GLY A 166 -15.87 13.11 -5.99
C GLY A 166 -15.51 13.15 -7.46
N ILE A 167 -14.71 14.14 -7.86
CA ILE A 167 -14.30 14.26 -9.25
C ILE A 167 -13.47 13.04 -9.67
N LEU A 168 -13.86 12.43 -10.78
CA LEU A 168 -13.21 11.23 -11.31
C LEU A 168 -11.71 11.32 -11.55
N ILE A 169 -11.31 12.27 -12.38
CA ILE A 169 -9.90 12.43 -12.71
C ILE A 169 -9.63 13.86 -13.16
N ILE B 12 -1.42 10.09 13.71
CA ILE B 12 -0.96 10.76 12.45
C ILE B 12 -0.80 12.26 12.64
N LEU B 13 0.26 12.82 12.07
CA LEU B 13 0.52 14.25 12.18
C LEU B 13 -0.29 15.10 11.23
N SER B 14 -0.80 16.22 11.74
CA SER B 14 -1.61 17.15 10.96
C SER B 14 -0.71 18.06 10.12
N HIS B 15 -1.33 18.94 9.34
CA HIS B 15 -0.60 19.87 8.50
C HIS B 15 0.36 20.75 9.30
N GLN B 16 -0.17 21.38 10.36
CA GLN B 16 0.67 22.26 11.19
C GLN B 16 1.82 21.51 11.85
N SER B 17 1.57 20.27 12.26
CA SER B 17 2.62 19.48 12.90
C SER B 17 3.71 19.12 11.91
N ILE B 18 3.32 18.87 10.65
CA ILE B 18 4.28 18.53 9.62
C ILE B 18 5.08 19.78 9.25
N LYS B 19 4.39 20.92 9.24
CA LYS B 19 5.05 22.18 8.89
C LYS B 19 6.22 22.46 9.84
N ASN B 20 6.09 22.02 11.08
CA ASN B 20 7.14 22.22 12.08
C ASN B 20 8.33 21.31 11.86
N LEU B 21 8.16 20.30 11.00
CA LEU B 21 9.23 19.36 10.70
C LEU B 21 10.12 19.85 9.56
N LEU B 22 9.66 20.88 8.85
CA LEU B 22 10.42 21.42 7.74
C LEU B 22 11.75 22.03 8.17
N GLY B 23 12.82 21.64 7.50
CA GLY B 23 14.12 22.17 7.84
C GLY B 23 14.81 21.40 8.95
N LYS B 24 14.10 20.43 9.52
CA LYS B 24 14.64 19.61 10.60
C LYS B 24 14.60 18.13 10.21
N VAL B 25 13.39 17.63 9.99
CA VAL B 25 13.19 16.24 9.60
C VAL B 25 13.07 16.13 8.08
N ILE B 26 12.51 17.15 7.45
CA ILE B 26 12.34 17.18 6.00
C ILE B 26 13.24 18.26 5.38
N LEU B 27 14.28 17.86 4.67
CA LEU B 27 15.19 18.81 4.04
C LEU B 27 14.94 18.88 2.53
N ASN B 28 15.30 20.02 1.92
CA ASN B 28 15.09 20.24 0.49
C ASN B 28 13.60 20.15 0.24
N TYR B 29 12.83 20.80 1.12
CA TYR B 29 11.37 20.77 1.06
C TYR B 29 10.71 21.90 0.28
N SER B 30 9.39 21.79 0.16
CA SER B 30 8.55 22.78 -0.50
C SER B 30 7.38 22.98 0.45
N GLU B 31 7.22 24.20 0.94
CA GLU B 31 6.14 24.49 1.88
C GLU B 31 4.75 24.16 1.36
N GLU B 32 4.54 24.35 0.07
CA GLU B 32 3.24 24.07 -0.54
C GLU B 32 2.94 22.58 -0.54
N ASN B 33 3.98 21.76 -0.43
CA ASN B 33 3.80 20.30 -0.43
C ASN B 33 3.36 19.72 0.91
N VAL B 34 3.17 20.58 1.90
CA VAL B 34 2.67 20.13 3.19
C VAL B 34 1.16 20.22 3.00
N ARG B 35 0.48 19.08 3.00
CA ARG B 35 -0.97 19.04 2.77
C ARG B 35 -1.83 18.95 4.03
N GLU B 36 -3.03 18.39 3.88
CA GLU B 36 -3.97 18.25 4.99
C GLU B 36 -3.43 17.41 6.15
N ASN B 37 -2.86 16.27 5.82
CA ASN B 37 -2.33 15.36 6.83
C ASN B 37 -1.20 14.52 6.26
N GLY B 38 -0.32 15.17 5.51
CA GLY B 38 0.80 14.46 4.91
C GLY B 38 1.66 15.40 4.08
N TYR B 39 2.74 14.87 3.54
CA TYR B 39 3.65 15.67 2.73
C TYR B 39 3.80 15.02 1.35
N ASP B 40 3.77 15.82 0.30
CA ASP B 40 3.91 15.30 -1.05
C ASP B 40 5.37 15.22 -1.50
N LEU B 41 5.89 14.00 -1.54
CA LEU B 41 7.27 13.74 -1.94
C LEU B 41 7.42 13.99 -3.44
N ARG B 42 8.56 14.55 -3.85
CA ARG B 42 8.82 14.83 -5.26
C ARG B 42 9.97 13.96 -5.77
N ILE B 43 9.94 13.65 -7.06
CA ILE B 43 11.00 12.85 -7.66
C ILE B 43 11.99 13.81 -8.31
N CYS B 44 13.28 13.56 -8.10
CA CYS B 44 14.30 14.43 -8.68
C CYS B 44 15.57 13.63 -8.96
N GLY B 45 16.73 14.28 -8.84
CA GLY B 45 17.98 13.58 -9.08
C GLY B 45 18.52 13.73 -10.49
N ASP B 46 19.82 13.47 -10.64
CA ASP B 46 20.48 13.56 -11.93
C ASP B 46 20.07 12.42 -12.85
N LYS B 47 19.68 11.29 -12.27
CA LYS B 47 19.29 10.16 -13.06
C LYS B 47 18.18 9.34 -12.41
N TYR B 48 17.53 8.52 -13.22
CA TYR B 48 16.49 7.61 -12.72
C TYR B 48 16.87 6.25 -13.29
N TYR B 49 16.28 5.17 -12.77
CA TYR B 49 16.66 3.85 -13.23
C TYR B 49 15.54 2.93 -13.68
N GLU B 50 15.81 2.16 -14.72
CA GLU B 50 14.83 1.22 -15.25
C GLU B 50 15.30 -0.19 -14.95
N LEU B 51 14.46 -0.98 -14.29
CA LEU B 51 14.86 -2.36 -14.02
C LEU B 51 14.71 -3.08 -15.36
N VAL B 52 15.77 -3.75 -15.80
CA VAL B 52 15.72 -4.44 -17.08
C VAL B 52 15.81 -5.95 -16.98
N GLN B 53 16.24 -6.44 -15.83
CA GLN B 53 16.33 -7.87 -15.61
C GLN B 53 15.89 -8.18 -14.19
N GLY B 54 15.13 -9.26 -14.05
CA GLY B 54 14.62 -9.65 -12.74
C GLY B 54 15.67 -9.99 -11.71
N ALA B 55 15.27 -9.96 -10.45
CA ALA B 55 16.15 -10.26 -9.35
C ALA B 55 16.01 -11.70 -8.89
N GLU B 56 17.04 -12.19 -8.21
CA GLU B 56 17.05 -13.53 -7.64
C GLU B 56 17.46 -13.28 -6.20
N LEU B 57 16.50 -12.78 -5.43
CA LEU B 57 16.70 -12.43 -4.03
C LEU B 57 16.98 -13.59 -3.10
N PRO B 58 17.82 -13.37 -2.08
CA PRO B 58 18.47 -12.09 -1.79
C PRO B 58 19.86 -11.88 -2.41
N GLU B 59 20.44 -12.96 -2.97
CA GLU B 59 21.78 -12.90 -3.53
C GLU B 59 22.02 -12.03 -4.76
N LYS B 60 21.03 -11.95 -5.65
CA LYS B 60 21.17 -11.17 -6.87
C LYS B 60 20.09 -10.11 -7.02
N LYS B 61 20.52 -8.86 -7.07
CA LYS B 61 19.59 -7.73 -7.21
C LYS B 61 19.18 -7.60 -8.67
N ALA B 62 18.10 -6.88 -8.92
CA ALA B 62 17.64 -6.68 -10.28
C ALA B 62 18.71 -5.88 -11.03
N THR B 63 18.73 -6.02 -12.35
CA THR B 63 19.69 -5.30 -13.19
C THR B 63 19.05 -3.97 -13.58
N LEU B 64 19.80 -2.88 -13.40
CA LEU B 64 19.30 -1.55 -13.70
C LEU B 64 19.93 -0.88 -14.92
N ARG B 65 19.15 -0.03 -15.56
CA ARG B 65 19.63 0.73 -16.70
C ARG B 65 19.59 2.17 -16.20
N GLU B 66 20.75 2.83 -16.19
CA GLU B 66 20.86 4.20 -15.73
C GLU B 66 20.44 5.15 -16.83
N ILE B 67 19.54 6.09 -16.50
CA ILE B 67 19.03 7.06 -17.46
C ILE B 67 19.21 8.48 -16.95
N GLU B 68 19.67 9.37 -17.83
CA GLU B 68 19.84 10.77 -17.45
C GLU B 68 18.44 11.34 -17.21
N PHE B 69 18.23 11.95 -16.05
CA PHE B 69 16.94 12.54 -15.71
C PHE B 69 16.98 14.01 -16.12
N LYS B 70 16.62 14.28 -17.37
CA LYS B 70 16.63 15.63 -17.91
C LYS B 70 15.42 16.47 -17.48
N GLU B 71 14.31 16.29 -18.19
CA GLU B 71 13.09 17.03 -17.90
C GLU B 71 11.91 16.10 -17.62
N ARG B 72 11.93 14.92 -18.25
CA ARG B 72 10.86 13.95 -18.09
C ARG B 72 11.38 12.52 -18.13
N ALA B 73 10.78 11.67 -17.31
CA ALA B 73 11.17 10.27 -17.28
C ALA B 73 10.21 9.53 -18.19
N ILE B 74 10.74 8.84 -19.19
CA ILE B 74 9.91 8.08 -20.11
C ILE B 74 9.83 6.64 -19.59
N LEU B 75 8.61 6.19 -19.31
CA LEU B 75 8.41 4.84 -18.79
C LEU B 75 7.71 3.92 -19.78
N SER B 76 8.15 2.67 -19.80
CA SER B 76 7.56 1.66 -20.66
C SER B 76 6.63 0.81 -19.82
N ALA B 77 5.54 0.35 -20.41
CA ALA B 77 4.59 -0.48 -19.69
C ALA B 77 5.30 -1.73 -19.17
N ASN B 78 4.84 -2.23 -18.02
CA ASN B 78 5.38 -3.44 -17.42
C ASN B 78 6.83 -3.36 -16.95
N HIS B 79 7.27 -2.16 -16.61
CA HIS B 79 8.63 -1.96 -16.12
C HIS B 79 8.56 -1.18 -14.82
N THR B 80 9.50 -1.47 -13.93
CA THR B 80 9.60 -0.78 -12.65
C THR B 80 10.74 0.22 -12.78
N TYR B 81 10.55 1.42 -12.21
CA TYR B 81 11.55 2.47 -12.25
C TYR B 81 11.89 2.98 -10.86
N LEU B 82 13.16 3.31 -10.64
CA LEU B 82 13.59 3.83 -9.34
C LEU B 82 13.91 5.32 -9.46
N PHE B 83 13.31 6.10 -8.57
CA PHE B 83 13.50 7.55 -8.55
C PHE B 83 14.01 8.00 -7.19
N GLU B 84 14.92 8.97 -7.21
CA GLU B 84 15.47 9.51 -5.98
C GLU B 84 14.58 10.68 -5.61
N SER B 85 14.25 10.81 -4.32
CA SER B 85 13.40 11.90 -3.87
C SER B 85 14.17 13.22 -3.85
N CYS B 86 13.43 14.32 -3.94
CA CYS B 86 14.06 15.63 -3.90
C CYS B 86 14.41 15.85 -2.44
N GLU B 87 13.45 15.55 -1.58
CA GLU B 87 13.58 15.70 -0.15
C GLU B 87 14.59 14.75 0.48
N GLU B 88 15.27 15.24 1.52
CA GLU B 88 16.24 14.45 2.27
C GLU B 88 15.63 14.32 3.66
N PHE B 89 15.75 13.15 4.26
CA PHE B 89 15.16 12.94 5.58
C PHE B 89 16.17 12.75 6.69
N ASN B 90 15.78 13.16 7.90
CA ASN B 90 16.58 13.00 9.10
C ASN B 90 15.55 12.64 10.16
N PRO B 92 13.67 11.23 13.43
CA PRO B 92 13.96 11.14 14.86
C PRO B 92 13.63 9.73 15.34
N ALA B 93 13.96 9.43 16.58
CA ALA B 93 13.70 8.11 17.15
C ALA B 93 12.24 7.85 17.48
N ASP B 94 11.40 8.87 17.35
CA ASP B 94 9.99 8.72 17.68
C ASP B 94 9.03 8.85 16.49
N LEU B 95 9.57 8.87 15.28
CA LEU B 95 8.74 9.00 14.08
C LEU B 95 9.08 8.01 12.98
N ALA B 96 8.06 7.65 12.21
CA ALA B 96 8.19 6.75 11.08
C ALA B 96 7.26 7.32 10.01
N VAL B 97 7.50 6.95 8.75
CA VAL B 97 6.67 7.45 7.67
C VAL B 97 6.17 6.33 6.78
N LEU B 98 4.88 6.38 6.45
CA LEU B 98 4.30 5.40 5.55
C LEU B 98 4.25 6.10 4.21
N ILE B 99 4.89 5.51 3.20
CA ILE B 99 4.89 6.10 1.87
C ILE B 99 3.71 5.54 1.09
N THR B 100 2.77 6.41 0.72
CA THR B 100 1.62 5.98 -0.06
C THR B 100 1.74 6.69 -1.40
N LEU B 101 0.95 6.25 -2.37
CA LEU B 101 1.02 6.87 -3.70
C LEU B 101 -0.03 7.97 -3.80
N LYS B 102 0.30 9.06 -4.48
CA LYS B 102 -0.69 10.12 -4.66
C LYS B 102 -1.81 9.53 -5.51
N SER B 103 -3.06 9.84 -5.19
CA SER B 103 -4.15 9.28 -5.98
C SER B 103 -4.09 9.75 -7.44
N THR B 104 -3.43 10.88 -7.69
CA THR B 104 -3.30 11.38 -9.05
C THR B 104 -2.51 10.35 -9.87
N LEU B 105 -1.46 9.79 -9.28
CA LEU B 105 -0.68 8.80 -9.98
C LEU B 105 -1.45 7.47 -10.07
N ALA B 106 -2.17 7.14 -9.00
CA ALA B 106 -2.94 5.90 -8.98
C ALA B 106 -4.01 5.86 -10.06
N ARG B 107 -4.81 6.92 -10.14
CA ARG B 107 -5.88 6.91 -11.14
C ARG B 107 -5.40 7.15 -12.56
N ASN B 108 -4.11 7.43 -12.71
CA ASN B 108 -3.54 7.66 -14.03
C ASN B 108 -2.64 6.52 -14.52
N GLY B 109 -2.79 5.35 -13.91
CA GLY B 109 -2.05 4.18 -14.35
C GLY B 109 -0.67 3.87 -13.80
N PHE B 110 -0.37 4.30 -12.57
CA PHE B 110 0.93 4.00 -11.98
C PHE B 110 0.73 3.17 -10.73
N LEU B 111 1.66 2.26 -10.48
CA LEU B 111 1.60 1.39 -9.32
C LEU B 111 2.82 1.56 -8.43
N ALA B 112 2.59 1.39 -7.13
CA ALA B 112 3.66 1.48 -6.15
C ALA B 112 3.19 0.71 -4.93
N PRO B 113 4.07 -0.05 -4.34
CA PRO B 113 3.67 -0.75 -3.12
C PRO B 113 3.83 0.12 -1.88
N PRO B 114 3.03 -0.06 -0.83
CA PRO B 114 3.37 0.62 0.41
C PRO B 114 4.74 0.29 1.01
N THR B 115 5.50 1.30 1.43
CA THR B 115 6.80 1.07 2.06
C THR B 115 6.94 2.08 3.18
N VAL B 116 7.92 1.87 4.06
CA VAL B 116 8.10 2.74 5.21
C VAL B 116 9.50 3.32 5.40
N ILE B 117 9.55 4.53 5.95
CA ILE B 117 10.82 5.18 6.26
C ILE B 117 10.90 5.03 7.78
N ASP B 118 11.95 4.36 8.25
CA ASP B 118 12.11 4.07 9.67
C ASP B 118 12.73 5.18 10.51
N ALA B 119 12.52 5.08 11.81
CA ALA B 119 13.06 6.05 12.75
C ALA B 119 14.58 5.92 12.68
N GLY B 120 15.28 7.04 12.60
CA GLY B 120 16.73 7.00 12.54
C GLY B 120 17.27 7.04 11.13
N TYR B 121 16.41 6.83 10.13
CA TYR B 121 16.87 6.87 8.76
C TYR B 121 17.33 8.28 8.37
N LYS B 122 18.43 8.35 7.62
CA LYS B 122 18.97 9.62 7.19
C LYS B 122 19.23 9.58 5.68
N GLY B 123 18.82 10.63 4.99
CA GLY B 123 19.05 10.70 3.56
C GLY B 123 17.80 10.74 2.70
N LYS B 124 18.00 10.90 1.40
CA LYS B 124 16.88 10.91 0.46
C LYS B 124 16.40 9.47 0.38
N VAL B 125 15.23 9.27 -0.20
CA VAL B 125 14.72 7.91 -0.36
C VAL B 125 14.67 7.60 -1.84
N ASN B 126 14.63 6.32 -2.15
CA ASN B 126 14.56 5.88 -3.53
C ASN B 126 13.28 5.08 -3.63
N VAL B 127 12.35 5.58 -4.44
CA VAL B 127 11.04 4.95 -4.60
C VAL B 127 10.87 4.23 -5.93
N ALA B 128 10.18 3.10 -5.88
CA ALA B 128 9.93 2.29 -7.06
C ALA B 128 8.52 2.51 -7.59
N ILE B 129 8.43 2.96 -8.83
CA ILE B 129 7.14 3.18 -9.47
C ILE B 129 7.06 2.27 -10.68
N THR B 130 5.96 1.53 -10.80
CA THR B 130 5.79 0.61 -11.91
C THR B 130 4.74 1.16 -12.87
N ALA B 131 5.09 1.21 -14.15
CA ALA B 131 4.19 1.75 -15.15
C ALA B 131 3.32 0.66 -15.77
N VAL B 132 2.01 0.88 -15.75
CA VAL B 132 1.08 -0.07 -16.33
C VAL B 132 0.97 0.22 -17.83
N TYR B 133 1.31 1.45 -18.22
CA TYR B 133 1.24 1.87 -19.63
C TYR B 133 2.50 2.63 -20.04
N ASN B 134 2.71 2.77 -21.35
CA ASN B 134 3.85 3.57 -21.80
C ASN B 134 3.41 4.94 -21.34
N SER B 135 4.26 5.62 -20.59
CA SER B 135 3.89 6.91 -20.03
C SER B 135 5.10 7.73 -19.62
N SER B 136 4.86 8.84 -18.93
CA SER B 136 5.97 9.67 -18.48
C SER B 136 5.61 10.50 -17.25
N LEU B 137 6.64 10.85 -16.48
CA LEU B 137 6.48 11.68 -15.29
C LEU B 137 7.47 12.82 -15.41
N LYS B 138 7.03 14.01 -15.04
CA LYS B 138 7.87 15.20 -15.13
C LYS B 138 8.80 15.31 -13.94
N LYS B 139 10.08 15.56 -14.22
CA LYS B 139 11.07 15.70 -13.15
C LYS B 139 10.64 16.80 -12.20
N GLY B 140 10.71 16.51 -10.90
CA GLY B 140 10.34 17.49 -9.90
C GLY B 140 8.89 17.45 -9.44
N ALA B 142 5.31 15.94 -7.81
CA ALA B 142 4.98 15.19 -6.61
C ALA B 142 4.35 13.87 -7.02
N THR B 143 4.87 12.77 -6.46
CA THR B 143 4.40 11.45 -6.80
C THR B 143 3.85 10.64 -5.61
N HIS B 144 4.42 10.85 -4.44
CA HIS B 144 3.98 10.12 -3.25
C HIS B 144 3.46 11.01 -2.13
N HIS B 145 2.61 10.43 -1.29
CA HIS B 145 2.00 11.12 -0.18
C HIS B 145 2.53 10.48 1.10
N LEU B 146 3.29 11.24 1.87
CA LEU B 146 3.89 10.75 3.11
C LEU B 146 2.99 10.97 4.33
N ILE B 147 2.76 9.88 5.06
CA ILE B 147 1.94 9.91 6.26
C ILE B 147 2.91 9.70 7.42
N PHE B 148 2.95 10.66 8.34
CA PHE B 148 3.86 10.57 9.47
C PHE B 148 3.24 9.90 10.68
N LEU B 149 3.89 8.83 11.13
CA LEU B 149 3.41 8.04 12.27
C LEU B 149 4.30 8.26 13.49
N LYS B 150 3.67 8.36 14.66
CA LYS B 150 4.41 8.56 15.89
C LYS B 150 4.54 7.22 16.62
N LEU B 151 5.75 6.89 17.05
CA LEU B 151 5.97 5.65 17.76
C LEU B 151 5.51 5.78 19.21
N ASP B 152 4.96 4.71 19.76
CA ASP B 152 4.46 4.71 21.13
C ASP B 152 5.54 5.16 22.11
N LYS B 153 6.79 4.91 21.75
CA LYS B 153 7.93 5.29 22.58
C LYS B 153 9.17 5.40 21.69
N PRO B 154 10.12 6.27 22.07
CA PRO B 154 11.35 6.41 21.25
C PRO B 154 11.96 5.02 21.07
N THR B 155 12.25 4.65 19.82
CA THR B 155 12.81 3.32 19.56
C THR B 155 14.23 3.10 20.06
N GLU B 156 14.46 1.92 20.62
CA GLU B 156 15.76 1.55 21.13
C GLU B 156 16.65 1.05 19.99
N ARG B 157 16.07 0.92 18.81
CA ARG B 157 16.82 0.47 17.64
C ARG B 157 16.60 1.41 16.47
N LEU B 158 17.53 2.35 16.30
CA LEU B 158 17.46 3.32 15.22
C LEU B 158 17.97 2.65 13.94
N TYR B 159 17.53 3.16 12.79
CA TYR B 159 17.95 2.59 11.52
C TYR B 159 19.45 2.77 11.28
N ASN B 160 20.09 1.73 10.77
CA ASN B 160 21.52 1.78 10.47
C ASN B 160 21.81 0.70 9.42
N GLY B 161 20.80 0.40 8.62
CA GLY B 161 20.92 -0.61 7.60
C GLY B 161 21.70 -0.25 6.35
N LYS B 162 21.66 -1.17 5.38
CA LYS B 162 22.38 -1.04 4.11
C LYS B 162 21.98 0.13 3.20
N TYR B 163 20.87 0.80 3.48
CA TYR B 163 20.46 1.92 2.64
C TYR B 163 20.69 3.27 3.29
N GLN B 164 21.23 3.28 4.50
CA GLN B 164 21.47 4.53 5.21
C GLN B 164 22.24 5.52 4.34
N GLY B 165 21.78 6.77 4.34
CA GLY B 165 22.43 7.80 3.55
C GLY B 165 21.78 8.01 2.19
N GLY B 166 20.86 7.13 1.83
CA GLY B 166 20.19 7.26 0.54
C GLY B 166 20.72 6.34 -0.53
N ILE B 167 21.24 5.18 -0.12
CA ILE B 167 21.79 4.21 -1.07
C ILE B 167 20.67 3.70 -1.98
N LEU B 168 20.91 3.76 -3.29
CA LEU B 168 19.94 3.34 -4.29
C LEU B 168 19.41 1.93 -4.14
N ILE B 169 20.32 0.95 -4.10
CA ILE B 169 19.92 -0.44 -4.00
C ILE B 169 21.08 -1.29 -3.48
N ILE C 12 1.79 3.74 16.38
CA ILE C 12 2.47 2.46 16.04
C ILE C 12 3.55 2.12 17.07
N LEU C 13 3.76 0.81 17.12
CA LEU C 13 4.61 0.22 18.15
C LEU C 13 6.10 0.26 17.79
N SER C 14 6.91 0.60 18.78
CA SER C 14 8.35 0.68 18.62
C SER C 14 8.97 -0.71 18.66
N HIS C 15 10.28 -0.76 18.43
CA HIS C 15 11.03 -2.02 18.45
C HIS C 15 10.84 -2.76 19.77
N GLN C 16 11.04 -2.05 20.88
CA GLN C 16 10.90 -2.68 22.20
C GLN C 16 9.49 -3.19 22.47
N SER C 17 8.49 -2.48 21.99
CA SER C 17 7.11 -2.89 22.20
C SER C 17 6.78 -4.12 21.37
N ILE C 18 7.39 -4.21 20.19
CA ILE C 18 7.17 -5.37 19.32
C ILE C 18 7.86 -6.57 19.93
N LYS C 19 9.07 -6.36 20.43
CA LYS C 19 9.85 -7.43 21.03
C LYS C 19 9.07 -8.12 22.14
N ASN C 20 8.20 -7.38 22.81
CA ASN C 20 7.40 -7.94 23.90
C ASN C 20 6.27 -8.83 23.38
N LEU C 21 5.91 -8.66 22.11
CA LEU C 21 4.85 -9.44 21.51
C LEU C 21 5.37 -10.81 21.05
N LEU C 22 6.68 -10.98 21.04
CA LEU C 22 7.28 -12.25 20.61
C LEU C 22 6.90 -13.39 21.54
N GLY C 23 6.40 -14.47 20.96
CA GLY C 23 6.02 -15.63 21.75
C GLY C 23 4.59 -15.54 22.26
N LYS C 24 3.94 -14.41 21.98
CA LYS C 24 2.56 -14.21 22.41
C LYS C 24 1.67 -13.89 21.21
N VAL C 25 1.97 -12.77 20.56
CA VAL C 25 1.22 -12.33 19.38
C VAL C 25 1.90 -12.83 18.10
N ILE C 26 3.23 -12.90 18.13
CA ILE C 26 4.02 -13.37 16.99
C ILE C 26 4.69 -14.69 17.32
N LEU C 27 4.24 -15.77 16.69
CA LEU C 27 4.81 -17.10 16.92
C LEU C 27 5.69 -17.52 15.74
N ASN C 28 6.61 -18.45 15.98
CA ASN C 28 7.53 -18.93 14.95
C ASN C 28 8.29 -17.69 14.46
N TYR C 29 8.73 -16.89 15.41
CA TYR C 29 9.43 -15.63 15.12
C TYR C 29 10.95 -15.73 15.05
N SER C 30 11.55 -14.59 14.76
CA SER C 30 12.99 -14.44 14.67
C SER C 30 13.30 -13.11 15.34
N GLU C 31 14.09 -13.15 16.40
CA GLU C 31 14.48 -11.97 17.14
C GLU C 31 15.04 -10.87 16.25
N GLU C 32 15.92 -11.25 15.34
CA GLU C 32 16.56 -10.30 14.43
C GLU C 32 15.56 -9.57 13.53
N ASN C 33 14.40 -10.17 13.30
CA ASN C 33 13.40 -9.56 12.43
C ASN C 33 12.56 -8.45 13.06
N VAL C 34 12.84 -8.14 14.32
CA VAL C 34 12.14 -7.03 14.99
C VAL C 34 13.01 -5.83 14.67
N ARG C 35 12.51 -4.94 13.80
CA ARG C 35 13.27 -3.78 13.37
C ARG C 35 13.03 -2.52 14.18
N GLU C 36 13.30 -1.37 13.57
CA GLU C 36 13.12 -0.07 14.23
C GLU C 36 11.71 0.18 14.69
N ASN C 37 10.74 -0.05 13.81
CA ASN C 37 9.33 0.18 14.14
C ASN C 37 8.42 -0.77 13.36
N GLY C 38 8.83 -2.03 13.28
CA GLY C 38 8.05 -3.01 12.56
C GLY C 38 8.70 -4.38 12.64
N TYR C 39 8.04 -5.38 12.06
CA TYR C 39 8.56 -6.74 12.05
C TYR C 39 8.66 -7.24 10.62
N ASP C 40 9.77 -7.90 10.29
CA ASP C 40 9.96 -8.43 8.95
C ASP C 40 9.42 -9.85 8.80
N LEU C 41 8.27 -9.96 8.13
CA LEU C 41 7.60 -11.23 7.88
C LEU C 41 8.39 -12.05 6.87
N ARG C 42 8.47 -13.36 7.10
CA ARG C 42 9.20 -14.25 6.20
C ARG C 42 8.24 -15.18 5.46
N ILE C 43 8.62 -15.57 4.25
CA ILE C 43 7.80 -16.49 3.47
C ILE C 43 8.36 -17.88 3.70
N CYS C 44 7.48 -18.84 3.95
CA CYS C 44 7.92 -20.21 4.19
C CYS C 44 6.83 -21.19 3.72
N GLY C 45 6.73 -22.34 4.38
CA GLY C 45 5.71 -23.29 4.00
C GLY C 45 6.17 -24.38 3.03
N ASP C 46 5.42 -25.48 2.99
CA ASP C 46 5.74 -26.59 2.11
C ASP C 46 5.48 -26.27 0.65
N LYS C 47 4.49 -25.42 0.40
CA LYS C 47 4.14 -25.05 -0.97
C LYS C 47 3.89 -23.55 -1.14
N TYR C 48 3.94 -23.10 -2.39
CA TYR C 48 3.62 -21.72 -2.73
C TYR C 48 2.72 -21.86 -3.95
N TYR C 49 1.94 -20.83 -4.26
CA TYR C 49 1.00 -20.93 -5.37
C TYR C 49 1.08 -19.86 -6.44
N GLU C 50 0.87 -20.28 -7.68
CA GLU C 50 0.90 -19.38 -8.80
C GLU C 50 -0.52 -19.22 -9.35
N LEU C 51 -1.01 -17.99 -9.43
CA LEU C 51 -2.34 -17.80 -9.99
C LEU C 51 -2.18 -18.02 -11.49
N VAL C 52 -2.98 -18.92 -12.06
CA VAL C 52 -2.88 -19.21 -13.48
C VAL C 52 -4.09 -18.78 -14.28
N GLN C 53 -5.20 -18.54 -13.60
CA GLN C 53 -6.40 -18.09 -14.28
C GLN C 53 -7.09 -17.02 -13.45
N GLY C 54 -7.59 -15.99 -14.12
CA GLY C 54 -8.25 -14.89 -13.43
C GLY C 54 -9.49 -15.28 -12.66
N ALA C 55 -9.82 -14.44 -11.69
CA ALA C 55 -10.99 -14.67 -10.85
C ALA C 55 -12.19 -13.89 -11.36
N GLU C 56 -13.38 -14.37 -10.97
CA GLU C 56 -14.63 -13.72 -11.32
C GLU C 56 -15.32 -13.56 -9.98
N LEU C 57 -14.86 -12.57 -9.22
CA LEU C 57 -15.35 -12.28 -7.88
C LEU C 57 -16.78 -11.78 -7.81
N PRO C 58 -17.50 -12.14 -6.74
CA PRO C 58 -17.03 -12.98 -5.65
C PRO C 58 -17.25 -14.50 -5.79
N GLU C 59 -18.07 -14.90 -6.75
CA GLU C 59 -18.41 -16.32 -6.93
C GLU C 59 -17.30 -17.28 -7.37
N LYS C 60 -16.35 -16.80 -8.17
CA LYS C 60 -15.28 -17.66 -8.66
C LYS C 60 -13.90 -17.12 -8.30
N LYS C 61 -13.16 -17.89 -7.52
CA LYS C 61 -11.82 -17.49 -7.10
C LYS C 61 -10.83 -17.77 -8.25
N ALA C 62 -9.66 -17.17 -8.18
CA ALA C 62 -8.66 -17.39 -9.21
C ALA C 62 -8.22 -18.86 -9.15
N THR C 63 -7.73 -19.38 -10.26
CA THR C 63 -7.26 -20.76 -10.33
C THR C 63 -5.79 -20.79 -9.92
N LEU C 64 -5.44 -21.69 -9.01
CA LEU C 64 -4.07 -21.79 -8.51
C LEU C 64 -3.32 -23.02 -8.98
N ARG C 65 -2.00 -22.87 -9.06
CA ARG C 65 -1.12 -23.97 -9.44
C ARG C 65 -0.26 -24.17 -8.20
N GLU C 66 -0.36 -25.35 -7.60
CA GLU C 66 0.41 -25.66 -6.40
C GLU C 66 1.83 -26.07 -6.76
N ILE C 67 2.80 -25.42 -6.14
CA ILE C 67 4.21 -25.69 -6.41
C ILE C 67 4.96 -26.03 -5.14
N GLU C 68 5.78 -27.08 -5.19
CA GLU C 68 6.57 -27.47 -4.04
C GLU C 68 7.55 -26.35 -3.73
N PHE C 69 7.60 -25.91 -2.48
CA PHE C 69 8.50 -24.84 -2.07
C PHE C 69 9.74 -25.47 -1.44
N LYS C 70 10.76 -25.70 -2.27
CA LYS C 70 12.00 -26.32 -1.83
C LYS C 70 13.02 -25.34 -1.26
N GLU C 71 13.75 -24.68 -2.14
CA GLU C 71 14.77 -23.72 -1.73
C GLU C 71 14.49 -22.33 -2.26
N ARG C 72 13.90 -22.24 -3.45
CA ARG C 72 13.60 -20.96 -4.06
C ARG C 72 12.32 -21.01 -4.87
N ALA C 73 11.57 -19.91 -4.85
CA ALA C 73 10.34 -19.82 -5.60
C ALA C 73 10.67 -19.10 -6.90
N ILE C 74 10.37 -19.75 -8.01
CA ILE C 74 10.64 -19.16 -9.33
C ILE C 74 9.37 -18.47 -9.81
N LEU C 75 9.47 -17.18 -10.05
CA LEU C 75 8.32 -16.39 -10.50
C LEU C 75 8.43 -15.93 -11.94
N SER C 76 7.29 -15.93 -12.62
CA SER C 76 7.22 -15.48 -14.00
C SER C 76 6.64 -14.08 -13.98
N ALA C 77 7.10 -13.23 -14.89
CA ALA C 77 6.61 -11.87 -14.97
C ALA C 77 5.10 -11.89 -15.21
N ASN C 78 4.41 -10.86 -14.69
CA ASN C 78 2.98 -10.72 -14.87
C ASN C 78 2.14 -11.81 -14.21
N HIS C 79 2.66 -12.40 -13.15
CA HIS C 79 1.94 -13.42 -12.41
C HIS C 79 1.94 -13.08 -10.93
N THR C 80 0.87 -13.45 -10.25
CA THR C 80 0.73 -13.24 -8.82
C THR C 80 0.99 -14.57 -8.13
N TYR C 81 1.69 -14.53 -7.00
CA TYR C 81 2.01 -15.73 -6.24
C TYR C 81 1.57 -15.59 -4.78
N LEU C 82 1.08 -16.68 -4.21
CA LEU C 82 0.65 -16.68 -2.82
C LEU C 82 1.64 -17.45 -1.97
N PHE C 83 2.12 -16.80 -0.92
CA PHE C 83 3.08 -17.40 -0.01
C PHE C 83 2.54 -17.43 1.40
N GLU C 84 2.84 -18.52 2.12
CA GLU C 84 2.43 -18.66 3.50
C GLU C 84 3.55 -18.07 4.34
N SER C 85 3.19 -17.34 5.39
CA SER C 85 4.21 -16.74 6.25
C SER C 85 4.81 -17.77 7.21
N CYS C 86 6.03 -17.51 7.65
CA CYS C 86 6.69 -18.40 8.60
C CYS C 86 5.97 -18.18 9.92
N GLU C 87 5.80 -16.91 10.25
CA GLU C 87 5.16 -16.47 11.49
C GLU C 87 3.68 -16.80 11.60
N GLU C 88 3.25 -17.10 12.82
CA GLU C 88 1.84 -17.38 13.09
C GLU C 88 1.39 -16.28 14.03
N PHE C 89 0.18 -15.77 13.81
CA PHE C 89 -0.31 -14.68 14.63
C PHE C 89 -1.47 -15.03 15.54
N ASN C 90 -1.52 -14.33 16.67
CA ASN C 90 -2.58 -14.47 17.65
C ASN C 90 -2.83 -13.03 18.07
N PRO C 92 -4.47 -9.64 19.39
CA PRO C 92 -5.29 -9.24 20.52
C PRO C 92 -6.41 -8.31 20.06
N ALA C 93 -7.41 -8.09 20.91
CA ALA C 93 -8.54 -7.24 20.57
C ALA C 93 -8.21 -5.76 20.44
N ASP C 94 -6.96 -5.40 20.75
CA ASP C 94 -6.57 -3.99 20.70
C ASP C 94 -5.46 -3.70 19.69
N LEU C 95 -5.12 -4.67 18.85
CA LEU C 95 -4.07 -4.47 17.86
C LEU C 95 -4.46 -4.89 16.44
N ALA C 96 -3.86 -4.23 15.47
CA ALA C 96 -4.07 -4.51 14.06
C ALA C 96 -2.71 -4.36 13.41
N VAL C 97 -2.53 -4.94 12.23
CA VAL C 97 -1.25 -4.83 11.55
C VAL C 97 -1.41 -4.43 10.09
N LEU C 98 -0.62 -3.44 9.67
CA LEU C 98 -0.65 -3.01 8.29
C LEU C 98 0.51 -3.77 7.64
N ILE C 99 0.21 -4.52 6.59
CA ILE C 99 1.26 -5.25 5.90
C ILE C 99 1.79 -4.40 4.76
N THR C 100 3.06 -4.01 4.85
CA THR C 100 3.68 -3.22 3.79
C THR C 100 4.77 -4.09 3.20
N LEU C 101 5.28 -3.70 2.05
CA LEU C 101 6.33 -4.49 1.41
C LEU C 101 7.69 -3.93 1.79
N LYS C 102 8.66 -4.82 1.99
CA LYS C 102 10.00 -4.35 2.31
C LYS C 102 10.50 -3.56 1.11
N SER C 103 11.18 -2.44 1.33
CA SER C 103 11.64 -1.65 0.19
C SER C 103 12.64 -2.44 -0.67
N THR C 104 13.28 -3.45 -0.07
CA THR C 104 14.23 -4.27 -0.82
C THR C 104 13.49 -4.98 -1.95
N LEU C 105 12.28 -5.50 -1.65
CA LEU C 105 11.50 -6.15 -2.69
C LEU C 105 10.93 -5.12 -3.65
N ALA C 106 10.52 -3.97 -3.13
CA ALA C 106 9.96 -2.93 -3.98
C ALA C 106 10.95 -2.44 -5.03
N ARG C 107 12.17 -2.12 -4.62
CA ARG C 107 13.13 -1.61 -5.57
C ARG C 107 13.78 -2.68 -6.45
N ASN C 108 13.43 -3.94 -6.21
CA ASN C 108 13.96 -5.04 -7.01
C ASN C 108 12.91 -5.64 -7.93
N GLY C 109 11.82 -4.92 -8.14
CA GLY C 109 10.80 -5.39 -9.06
C GLY C 109 9.65 -6.24 -8.60
N PHE C 110 9.24 -6.12 -7.34
CA PHE C 110 8.12 -6.90 -6.84
C PHE C 110 7.02 -5.96 -6.38
N LEU C 111 5.77 -6.37 -6.59
CA LEU C 111 4.62 -5.59 -6.20
C LEU C 111 3.73 -6.32 -5.21
N ALA C 112 3.11 -5.55 -4.33
CA ALA C 112 2.20 -6.11 -3.35
C ALA C 112 1.28 -4.98 -2.90
N PRO C 113 0.01 -5.27 -2.72
CA PRO C 113 -0.91 -4.21 -2.29
C PRO C 113 -0.88 -4.14 -0.76
N PRO C 114 -1.33 -3.02 -0.21
CA PRO C 114 -1.34 -2.92 1.26
C PRO C 114 -2.53 -3.75 1.75
N THR C 115 -2.33 -4.57 2.78
CA THR C 115 -3.42 -5.38 3.34
C THR C 115 -3.28 -5.32 4.85
N VAL C 116 -4.31 -5.79 5.57
CA VAL C 116 -4.27 -5.72 7.03
C VAL C 116 -4.59 -7.02 7.76
N ILE C 117 -4.00 -7.18 8.94
CA ILE C 117 -4.26 -8.33 9.79
C ILE C 117 -5.13 -7.72 10.90
N ASP C 118 -6.35 -8.21 11.01
CA ASP C 118 -7.30 -7.68 11.99
C ASP C 118 -7.15 -8.21 13.40
N ALA C 119 -7.71 -7.46 14.35
CA ALA C 119 -7.69 -7.84 15.76
C ALA C 119 -8.48 -9.13 15.89
N GLY C 120 -7.93 -10.09 16.63
CA GLY C 120 -8.63 -11.35 16.82
C GLY C 120 -8.24 -12.43 15.82
N TYR C 121 -7.51 -12.05 14.78
CA TYR C 121 -7.09 -13.03 13.78
C TYR C 121 -6.08 -14.02 14.37
N LYS C 122 -6.23 -15.29 14.02
CA LYS C 122 -5.33 -16.32 14.50
C LYS C 122 -4.78 -17.14 13.33
N GLY C 123 -3.48 -17.41 13.38
CA GLY C 123 -2.86 -18.21 12.33
C GLY C 123 -1.82 -17.48 11.50
N LYS C 124 -1.22 -18.21 10.57
CA LYS C 124 -0.24 -17.63 9.67
C LYS C 124 -1.03 -16.81 8.65
N VAL C 125 -0.35 -15.97 7.88
CA VAL C 125 -1.04 -15.20 6.86
C VAL C 125 -0.56 -15.68 5.51
N ASN C 126 -1.34 -15.41 4.48
CA ASN C 126 -0.99 -15.77 3.12
C ASN C 126 -0.90 -14.45 2.38
N VAL C 127 0.30 -14.14 1.88
CA VAL C 127 0.52 -12.89 1.17
C VAL C 127 0.68 -13.05 -0.34
N ALA C 128 0.18 -12.07 -1.07
CA ALA C 128 0.23 -12.09 -2.53
C ALA C 128 1.32 -11.18 -3.08
N ILE C 129 2.27 -11.77 -3.78
CA ILE C 129 3.36 -11.00 -4.38
C ILE C 129 3.27 -11.15 -5.89
N THR C 130 3.32 -10.03 -6.60
CA THR C 130 3.24 -10.07 -8.06
C THR C 130 4.60 -9.71 -8.63
N ALA C 131 5.07 -10.54 -9.57
CA ALA C 131 6.37 -10.33 -10.19
C ALA C 131 6.28 -9.52 -11.46
N VAL C 132 7.05 -8.43 -11.52
CA VAL C 132 7.06 -7.60 -12.71
C VAL C 132 8.02 -8.23 -13.73
N TYR C 133 8.97 -9.02 -13.22
CA TYR C 133 9.97 -9.69 -14.06
C TYR C 133 10.11 -11.16 -13.73
N ASN C 134 10.71 -11.93 -14.62
CA ASN C 134 10.97 -13.33 -14.33
C ASN C 134 11.99 -13.17 -13.21
N SER C 135 11.72 -13.81 -12.07
CA SER C 135 12.60 -13.64 -10.93
C SER C 135 12.45 -14.77 -9.92
N SER C 136 13.06 -14.59 -8.75
CA SER C 136 12.96 -15.62 -7.73
C SER C 136 13.16 -15.07 -6.32
N LEU C 137 12.57 -15.76 -5.35
CA LEU C 137 12.66 -15.39 -3.95
C LEU C 137 13.09 -16.63 -3.19
N LYS C 138 14.03 -16.47 -2.27
CA LYS C 138 14.53 -17.59 -1.50
C LYS C 138 13.60 -17.94 -0.35
N LYS C 139 13.37 -19.23 -0.15
CA LYS C 139 12.51 -19.67 0.93
C LYS C 139 13.08 -19.22 2.27
N GLY C 140 12.21 -18.69 3.13
CA GLY C 140 12.63 -18.24 4.44
C GLY C 140 13.09 -16.78 4.52
N ALA C 142 12.92 -12.59 4.30
CA ALA C 142 11.97 -11.58 4.74
C ALA C 142 11.48 -10.82 3.52
N THR C 143 10.16 -10.67 3.41
CA THR C 143 9.54 -10.01 2.27
C THR C 143 8.66 -8.80 2.62
N HIS C 144 7.97 -8.88 3.74
CA HIS C 144 7.09 -7.78 4.15
C HIS C 144 7.48 -7.13 5.47
N HIS C 145 7.02 -5.91 5.66
CA HIS C 145 7.31 -5.12 6.85
C HIS C 145 5.99 -4.88 7.57
N LEU C 146 5.82 -5.48 8.75
CA LEU C 146 4.59 -5.33 9.51
C LEU C 146 4.62 -4.13 10.43
N ILE C 147 3.61 -3.28 10.32
CA ILE C 147 3.48 -2.09 11.15
C ILE C 147 2.32 -2.38 12.10
N PHE C 148 2.59 -2.28 13.40
CA PHE C 148 1.56 -2.56 14.40
C PHE C 148 0.80 -1.32 14.86
N LEU C 149 -0.52 -1.37 14.67
CA LEU C 149 -1.40 -0.27 15.03
C LEU C 149 -2.24 -0.60 16.25
N LYS C 150 -2.37 0.36 17.16
CA LYS C 150 -3.18 0.17 18.35
C LYS C 150 -4.57 0.74 18.13
N LEU C 151 -5.60 -0.02 18.47
CA LEU C 151 -6.97 0.44 18.31
C LEU C 151 -7.28 1.42 19.43
N ASP C 152 -8.11 2.42 19.13
CA ASP C 152 -8.48 3.43 20.11
C ASP C 152 -9.17 2.80 21.32
N LYS C 153 -9.77 1.63 21.10
CA LYS C 153 -10.47 0.88 22.14
C LYS C 153 -10.51 -0.58 21.75
N PRO C 154 -10.55 -1.49 22.73
CA PRO C 154 -10.61 -2.92 22.38
C PRO C 154 -11.84 -3.13 21.50
N THR C 155 -11.66 -3.73 20.33
CA THR C 155 -12.77 -3.94 19.41
C THR C 155 -13.87 -4.88 19.91
N GLU C 156 -15.11 -4.48 19.66
CA GLU C 156 -16.27 -5.27 20.06
C GLU C 156 -16.53 -6.38 19.04
N ARG C 157 -15.78 -6.34 17.93
CA ARG C 157 -15.94 -7.35 16.89
C ARG C 157 -14.59 -7.94 16.49
N LEU C 158 -14.27 -9.10 17.04
CA LEU C 158 -13.03 -9.79 16.75
C LEU C 158 -13.19 -10.55 15.43
N TYR C 159 -12.07 -10.85 14.77
CA TYR C 159 -12.13 -11.56 13.50
C TYR C 159 -12.63 -12.99 13.67
N ASN C 160 -13.42 -13.44 12.70
CA ASN C 160 -13.96 -14.80 12.72
C ASN C 160 -14.38 -15.15 11.30
N GLY C 161 -13.77 -14.46 10.34
CA GLY C 161 -14.07 -14.67 8.93
C GLY C 161 -13.61 -16.00 8.35
N LYS C 162 -13.81 -16.13 7.04
CA LYS C 162 -13.46 -17.33 6.29
C LYS C 162 -11.98 -17.67 6.23
N TYR C 163 -11.10 -16.74 6.62
CA TYR C 163 -9.68 -17.02 6.57
C TYR C 163 -9.08 -17.38 7.93
N GLN C 164 -9.90 -17.38 8.96
CA GLN C 164 -9.42 -17.70 10.31
C GLN C 164 -8.64 -19.01 10.33
N GLY C 165 -7.50 -19.01 11.01
CA GLY C 165 -6.68 -20.19 11.09
C GLY C 165 -5.61 -20.28 10.03
N GLY C 166 -5.62 -19.33 9.09
CA GLY C 166 -4.62 -19.32 8.04
C GLY C 166 -5.07 -19.96 6.75
N ILE C 167 -6.37 -19.87 6.46
CA ILE C 167 -6.89 -20.45 5.23
C ILE C 167 -6.29 -19.72 4.04
N LEU C 168 -5.76 -20.49 3.10
CA LEU C 168 -5.12 -19.94 1.91
C LEU C 168 -5.97 -18.99 1.08
N ILE C 169 -7.14 -19.45 0.66
CA ILE C 169 -8.01 -18.65 -0.18
C ILE C 169 -9.43 -19.21 -0.13
#